data_3KPU
#
_entry.id   3KPU
#
_cell.length_a   94.345
_cell.length_b   94.345
_cell.length_c   188.513
_cell.angle_alpha   90.000
_cell.angle_beta   90.000
_cell.angle_gamma   90.000
#
_symmetry.space_group_name_H-M   'P 43 21 2'
#
loop_
_entity.id
_entity.type
_entity.pdbx_description
1 polymer 'Phenylethanolamine N-methyltransferase'
2 non-polymer S-ADENOSYL-L-HOMOCYSTEINE
3 non-polymer quinolin-4-ol
4 water water
#
_entity_poly.entity_id   1
_entity_poly.type   'polypeptide(L)'
_entity_poly.pdbx_seq_one_letter_code
;MSGADRSPNAGAAPDSAPGQAAVASAYQRFEPRAYLRNNYAPPRGDLCNPNGVGPWKLRCLAQTFATGEVSGRTLIDIGS
GPTVYQLLSACSHFEDITMTDFLEVNRQELGRWLQEEPGAFNWSMYSQHACLIEGKGECWQDKERQLRARVKRVLPIDVH
QPQPLGAGSPAPLPADALVSAFCLEAVSPDLASFQRALDHITTLLRPGGHLLLIGALEESWYLAGEARLTVVPVSEEEVR
EALVRSGYKVRDLRTYIMPAHLQTGVDDVKGVFFAWAQKVGLEHHHHHH
;
_entity_poly.pdbx_strand_id   A,B
#
# COMPACT_ATOMS: atom_id res chain seq x y z
N ALA A 24 0.60 2.26 -39.59
CA ALA A 24 -0.72 1.68 -39.41
C ALA A 24 -0.64 0.15 -39.50
N SER A 25 0.14 -0.32 -40.48
CA SER A 25 0.41 -1.73 -40.64
C SER A 25 1.45 -2.14 -39.60
N ALA A 26 2.24 -1.15 -39.16
CA ALA A 26 3.28 -1.41 -38.16
C ALA A 26 2.69 -1.99 -36.88
N TYR A 27 1.48 -1.57 -36.54
CA TYR A 27 0.88 -1.99 -35.28
C TYR A 27 0.57 -3.47 -35.24
N GLN A 28 0.83 -4.15 -36.35
CA GLN A 28 0.54 -5.58 -36.43
C GLN A 28 1.64 -6.43 -35.80
N ARG A 29 2.81 -5.83 -35.58
CA ARG A 29 3.92 -6.54 -34.93
C ARG A 29 4.03 -6.14 -33.46
N PHE A 30 3.21 -5.17 -33.08
CA PHE A 30 3.17 -4.64 -31.71
C PHE A 30 3.02 -5.76 -30.69
N GLU A 31 4.02 -5.93 -29.81
CA GLU A 31 3.97 -6.97 -28.77
C GLU A 31 3.58 -6.39 -27.40
N PRO A 32 2.36 -6.68 -26.94
CA PRO A 32 1.85 -6.16 -25.65
C PRO A 32 2.84 -6.30 -24.48
N ARG A 33 3.44 -7.47 -24.32
CA ARG A 33 4.35 -7.68 -23.21
C ARG A 33 5.63 -6.86 -23.34
N ALA A 34 6.14 -6.73 -24.56
CA ALA A 34 7.32 -5.91 -24.79
C ALA A 34 7.02 -4.46 -24.44
N TYR A 35 5.86 -3.97 -24.87
CA TYR A 35 5.46 -2.59 -24.56
C TYR A 35 5.35 -2.39 -23.04
N LEU A 36 4.76 -3.37 -22.35
CA LEU A 36 4.60 -3.28 -20.89
C LEU A 36 5.93 -3.34 -20.17
N ARG A 37 6.84 -4.14 -20.70
CA ARG A 37 8.17 -4.24 -20.14
C ARG A 37 8.90 -2.92 -20.30
N ASN A 38 8.85 -2.36 -21.51
CA ASN A 38 9.59 -1.15 -21.88
C ASN A 38 9.16 0.10 -21.12
N ASN A 39 7.91 0.11 -20.66
CA ASN A 39 7.32 1.34 -20.15
C ASN A 39 6.75 1.27 -18.75
N TYR A 40 6.41 0.07 -18.29
CA TYR A 40 5.70 -0.05 -17.01
C TYR A 40 6.43 -0.90 -15.99
N ALA A 41 7.54 -1.49 -16.41
CA ALA A 41 8.47 -2.13 -15.49
C ALA A 41 9.56 -1.11 -15.16
N PRO A 42 10.31 -1.35 -14.07
CA PRO A 42 11.42 -0.43 -13.78
C PRO A 42 12.33 -0.30 -14.99
N PRO A 43 13.01 0.86 -15.13
CA PRO A 43 13.01 2.01 -14.21
C PRO A 43 11.79 2.92 -14.31
N ARG A 44 11.14 2.99 -15.47
CA ARG A 44 10.02 3.91 -15.67
C ARG A 44 8.85 3.57 -14.76
N GLY A 45 8.70 2.29 -14.45
CA GLY A 45 7.63 1.83 -13.58
C GLY A 45 8.01 1.67 -12.11
N ASP A 46 9.18 2.17 -11.72
CA ASP A 46 9.53 2.15 -10.31
C ASP A 46 8.72 3.24 -9.63
N LEU A 47 7.68 2.85 -8.92
CA LEU A 47 6.82 3.86 -8.32
C LEU A 47 7.39 4.47 -7.02
N CYS A 48 8.46 3.90 -6.49
CA CYS A 48 9.08 4.39 -5.25
C CYS A 48 9.71 5.78 -5.38
N ASN A 49 10.18 6.13 -6.58
CA ASN A 49 10.74 7.46 -6.81
C ASN A 49 9.67 8.45 -7.24
N PRO A 50 9.42 9.47 -6.40
CA PRO A 50 8.35 10.46 -6.62
C PRO A 50 8.63 11.36 -7.83
N ASN A 51 9.87 11.41 -8.28
CA ASN A 51 10.21 12.25 -9.41
C ASN A 51 10.17 11.53 -10.76
N GLY A 52 9.70 10.28 -10.74
CA GLY A 52 9.61 9.49 -11.95
C GLY A 52 8.33 9.73 -12.75
N VAL A 53 8.34 9.27 -13.99
CA VAL A 53 7.21 9.47 -14.89
C VAL A 53 5.95 8.77 -14.37
N GLY A 54 6.11 7.58 -13.84
CA GLY A 54 4.97 6.82 -13.35
C GLY A 54 4.20 7.62 -12.31
N PRO A 55 4.87 7.98 -11.21
CA PRO A 55 4.17 8.73 -10.16
C PRO A 55 3.57 10.05 -10.65
N TRP A 56 4.31 10.78 -11.47
CA TRP A 56 3.80 12.02 -12.08
C TRP A 56 2.49 11.79 -12.85
N LYS A 57 2.48 10.80 -13.72
CA LYS A 57 1.25 10.48 -14.42
C LYS A 57 0.11 10.23 -13.42
N LEU A 58 0.35 9.32 -12.48
CA LEU A 58 -0.68 8.98 -11.50
C LEU A 58 -1.12 10.22 -10.70
N ARG A 59 -0.15 11.07 -10.36
CA ARG A 59 -0.43 12.31 -9.66
C ARG A 59 -1.36 13.21 -10.46
N CYS A 60 -1.10 13.35 -11.76
CA CYS A 60 -1.93 14.21 -12.60
C CYS A 60 -3.36 13.70 -12.61
N LEU A 61 -3.51 12.39 -12.77
CA LEU A 61 -4.84 11.80 -12.87
C LEU A 61 -5.64 12.02 -11.58
N ALA A 62 -5.00 11.76 -10.45
CA ALA A 62 -5.66 11.83 -9.14
C ALA A 62 -6.03 13.25 -8.74
N GLN A 63 -5.06 14.16 -8.84
CA GLN A 63 -5.32 15.56 -8.50
C GLN A 63 -6.54 16.06 -9.26
N THR A 64 -6.54 15.79 -10.56
CA THR A 64 -7.64 16.21 -11.45
C THR A 64 -9.01 15.73 -10.95
N PHE A 65 -9.16 14.42 -10.74
CA PHE A 65 -10.45 13.88 -10.28
C PHE A 65 -10.79 14.31 -8.86
N ALA A 66 -9.79 14.68 -8.07
CA ALA A 66 -10.06 15.04 -6.67
C ALA A 66 -10.74 16.40 -6.63
N THR A 67 -10.68 17.11 -7.74
CA THR A 67 -11.34 18.41 -7.83
C THR A 67 -12.86 18.28 -7.71
N GLY A 68 -13.36 17.07 -7.95
CA GLY A 68 -14.78 16.83 -7.98
C GLY A 68 -15.46 17.47 -9.19
N GLU A 69 -14.68 17.92 -10.16
CA GLU A 69 -15.24 18.60 -11.32
C GLU A 69 -15.34 17.72 -12.57
N VAL A 70 -14.85 16.49 -12.44
CA VAL A 70 -14.93 15.54 -13.55
C VAL A 70 -15.72 14.31 -13.10
N SER A 71 -16.99 14.29 -13.48
CA SER A 71 -17.91 13.29 -12.98
C SER A 71 -19.02 13.05 -13.99
N GLY A 72 -19.73 11.95 -13.81
CA GLY A 72 -20.79 11.59 -14.72
C GLY A 72 -21.09 10.13 -14.53
N ARG A 73 -21.83 9.55 -15.46
CA ARG A 73 -22.23 8.16 -15.36
C ARG A 73 -21.31 7.27 -16.19
N THR A 74 -20.87 7.78 -17.35
CA THR A 74 -20.11 6.95 -18.28
C THR A 74 -18.82 7.58 -18.78
N LEU A 75 -17.85 6.72 -19.05
CA LEU A 75 -16.51 7.15 -19.43
C LEU A 75 -15.95 6.20 -20.48
N ILE A 76 -15.21 6.75 -21.44
CA ILE A 76 -14.49 5.90 -22.40
C ILE A 76 -13.00 6.17 -22.43
N ASP A 77 -12.23 5.09 -22.37
CA ASP A 77 -10.79 5.17 -22.43
C ASP A 77 -10.34 4.84 -23.84
N ILE A 78 -9.68 5.80 -24.49
CA ILE A 78 -9.37 5.72 -25.92
C ILE A 78 -7.96 5.22 -26.14
N GLY A 79 -7.82 4.08 -26.83
CA GLY A 79 -6.51 3.52 -27.08
C GLY A 79 -5.89 2.98 -25.80
N SER A 80 -6.65 2.15 -25.10
CA SER A 80 -6.27 1.63 -23.80
C SER A 80 -4.97 0.85 -23.83
N GLY A 81 -4.72 0.16 -24.94
CA GLY A 81 -3.63 -0.79 -25.02
C GLY A 81 -3.80 -1.89 -23.97
N PRO A 82 -2.69 -2.36 -23.39
CA PRO A 82 -2.77 -3.43 -22.39
C PRO A 82 -2.61 -2.85 -21.00
N THR A 83 -2.98 -1.60 -20.80
CA THR A 83 -2.73 -0.96 -19.51
C THR A 83 -4.03 -0.49 -18.85
N VAL A 84 -4.05 -0.47 -17.51
CA VAL A 84 -5.26 -0.08 -16.78
C VAL A 84 -5.05 1.08 -15.82
N TYR A 85 -3.79 1.38 -15.53
CA TYR A 85 -3.42 2.37 -14.51
C TYR A 85 -4.11 3.71 -14.75
N GLN A 86 -4.44 3.96 -16.02
CA GLN A 86 -4.99 5.26 -16.40
C GLN A 86 -6.44 5.44 -15.96
N LEU A 87 -7.04 4.37 -15.43
CA LEU A 87 -8.42 4.43 -14.94
C LEU A 87 -8.52 4.24 -13.42
N LEU A 88 -7.39 4.05 -12.76
CA LEU A 88 -7.38 3.81 -11.30
C LEU A 88 -8.09 4.89 -10.50
N SER A 89 -7.70 6.14 -10.70
CA SER A 89 -8.29 7.24 -9.95
C SER A 89 -9.67 7.58 -10.50
N ALA A 90 -9.88 7.30 -11.78
CA ALA A 90 -11.10 7.68 -12.47
C ALA A 90 -12.28 6.79 -12.06
N CYS A 91 -12.00 5.52 -11.81
CA CYS A 91 -13.05 4.52 -11.70
C CYS A 91 -14.08 4.75 -10.58
N SER A 92 -13.76 5.63 -9.62
CA SER A 92 -14.70 5.89 -8.53
C SER A 92 -15.61 7.09 -8.81
N HIS A 93 -15.46 7.69 -9.99
CA HIS A 93 -16.35 8.77 -10.39
C HIS A 93 -17.27 8.40 -11.55
N PHE A 94 -17.12 7.18 -12.05
CA PHE A 94 -17.92 6.73 -13.18
C PHE A 94 -18.29 5.27 -13.00
N GLU A 95 -19.59 4.98 -13.11
CA GLU A 95 -20.09 3.63 -12.90
C GLU A 95 -20.04 2.77 -14.15
N ASP A 96 -20.07 3.39 -15.32
CA ASP A 96 -19.99 2.66 -16.58
C ASP A 96 -18.72 3.08 -17.32
N ILE A 97 -17.80 2.15 -17.46
CA ILE A 97 -16.53 2.43 -18.13
C ILE A 97 -16.34 1.53 -19.35
N THR A 98 -15.97 2.13 -20.47
CA THR A 98 -15.67 1.39 -21.68
C THR A 98 -14.18 1.50 -21.97
N MET A 99 -13.53 0.37 -22.19
CA MET A 99 -12.13 0.38 -22.59
C MET A 99 -12.04 0.00 -24.06
N THR A 100 -11.06 0.55 -24.76
CA THR A 100 -10.95 0.35 -26.19
C THR A 100 -9.51 0.18 -26.66
N ASP A 101 -9.35 -0.46 -27.81
CA ASP A 101 -8.07 -0.45 -28.52
C ASP A 101 -8.19 -0.98 -29.93
N PHE A 102 -7.19 -0.69 -30.74
CA PHE A 102 -7.15 -1.09 -32.14
C PHE A 102 -6.76 -2.56 -32.33
N LEU A 103 -5.88 -3.07 -31.47
CA LEU A 103 -5.39 -4.44 -31.59
C LEU A 103 -6.17 -5.44 -30.76
N GLU A 104 -6.39 -6.61 -31.35
CA GLU A 104 -7.01 -7.72 -30.66
C GLU A 104 -6.17 -8.19 -29.48
N VAL A 105 -4.87 -8.34 -29.70
CA VAL A 105 -3.96 -8.79 -28.63
C VAL A 105 -4.06 -7.91 -27.39
N ASN A 106 -4.13 -6.60 -27.56
CA ASN A 106 -4.30 -5.71 -26.42
C ASN A 106 -5.60 -5.96 -25.70
N ARG A 107 -6.69 -6.08 -26.46
CA ARG A 107 -7.99 -6.33 -25.86
C ARG A 107 -7.99 -7.60 -25.02
N GLN A 108 -7.23 -8.59 -25.48
CA GLN A 108 -7.17 -9.88 -24.80
C GLN A 108 -6.32 -9.75 -23.55
N GLU A 109 -5.28 -8.94 -23.63
CA GLU A 109 -4.42 -8.70 -22.49
C GLU A 109 -5.23 -8.01 -21.39
N LEU A 110 -6.10 -7.07 -21.78
CA LEU A 110 -7.02 -6.44 -20.84
C LEU A 110 -7.98 -7.45 -20.23
N GLY A 111 -8.67 -8.19 -21.10
CA GLY A 111 -9.51 -9.29 -20.67
C GLY A 111 -8.85 -10.08 -19.57
N ARG A 112 -7.56 -10.41 -19.76
CA ARG A 112 -6.84 -11.26 -18.82
C ARG A 112 -6.74 -10.65 -17.42
N TRP A 113 -6.56 -9.33 -17.35
CA TRP A 113 -6.47 -8.68 -16.05
C TRP A 113 -7.85 -8.41 -15.47
N LEU A 114 -8.81 -8.11 -16.32
CA LEU A 114 -10.17 -7.87 -15.86
C LEU A 114 -10.81 -9.13 -15.27
N GLN A 115 -10.54 -10.27 -15.89
CA GLN A 115 -11.13 -11.54 -15.48
C GLN A 115 -10.23 -12.28 -14.50
N GLU A 116 -9.15 -11.63 -14.09
CA GLU A 116 -8.17 -12.24 -13.19
C GLU A 116 -7.73 -13.60 -13.74
N GLU A 117 -7.68 -13.72 -15.06
CA GLU A 117 -7.20 -14.92 -15.73
C GLU A 117 -5.71 -15.09 -15.48
N PRO A 118 -5.16 -16.26 -15.82
CA PRO A 118 -3.74 -16.55 -15.57
C PRO A 118 -2.79 -15.75 -16.46
N GLY A 119 -1.64 -15.38 -15.91
CA GLY A 119 -0.62 -14.68 -16.66
C GLY A 119 -1.00 -13.25 -16.99
N ALA A 120 -2.01 -12.74 -16.31
CA ALA A 120 -2.38 -11.35 -16.48
C ALA A 120 -1.22 -10.49 -15.98
N PHE A 121 -1.12 -9.27 -16.49
CA PHE A 121 -0.12 -8.34 -16.01
C PHE A 121 -0.43 -7.96 -14.57
N ASN A 122 0.61 -7.70 -13.79
CA ASN A 122 0.44 -7.33 -12.38
C ASN A 122 0.46 -5.82 -12.19
N TRP A 123 -0.71 -5.25 -11.96
CA TRP A 123 -0.85 -3.79 -11.85
C TRP A 123 -0.82 -3.31 -10.40
N SER A 124 -0.57 -4.25 -9.49
CA SER A 124 -0.80 -4.00 -8.06
C SER A 124 0.03 -2.83 -7.50
N MET A 125 1.31 -2.77 -7.84
CA MET A 125 2.11 -1.59 -7.52
C MET A 125 1.43 -0.25 -7.83
N TYR A 126 0.75 -0.17 -9.00
CA TYR A 126 0.08 1.07 -9.45
C TYR A 126 -1.20 1.35 -8.70
N SER A 127 -2.00 0.31 -8.51
CA SER A 127 -3.19 0.37 -7.67
C SER A 127 -2.82 0.88 -6.28
N GLN A 128 -1.76 0.30 -5.72
CA GLN A 128 -1.29 0.70 -4.40
C GLN A 128 -0.96 2.19 -4.39
N HIS A 129 -0.31 2.65 -5.45
CA HIS A 129 0.21 4.00 -5.47
C HIS A 129 -0.92 5.00 -5.68
N ALA A 130 -1.95 4.61 -6.43
CA ALA A 130 -3.12 5.47 -6.57
C ALA A 130 -3.82 5.61 -5.22
N CYS A 131 -3.98 4.49 -4.51
CA CYS A 131 -4.59 4.51 -3.19
C CYS A 131 -3.76 5.42 -2.28
N LEU A 132 -2.45 5.31 -2.43
CA LEU A 132 -1.52 6.15 -1.64
C LEU A 132 -1.74 7.63 -1.93
N ILE A 133 -1.70 7.98 -3.21
CA ILE A 133 -1.78 9.36 -3.65
C ILE A 133 -3.17 9.94 -3.38
N GLU A 134 -4.19 9.10 -3.47
CA GLU A 134 -5.56 9.56 -3.30
C GLU A 134 -5.88 9.95 -1.87
N GLY A 135 -5.20 9.32 -0.92
CA GLY A 135 -5.35 9.69 0.47
C GLY A 135 -6.73 9.48 1.07
N LYS A 136 -7.41 8.41 0.66
CA LYS A 136 -8.75 8.13 1.19
C LYS A 136 -8.69 6.90 2.09
N GLY A 137 -7.49 6.41 2.33
CA GLY A 137 -7.30 5.21 3.14
C GLY A 137 -7.74 3.93 2.46
N GLU A 138 -7.96 3.98 1.15
CA GLU A 138 -8.46 2.81 0.43
C GLU A 138 -7.38 1.76 0.23
N CYS A 139 -7.75 0.50 0.40
CA CYS A 139 -6.82 -0.60 0.14
C CYS A 139 -6.79 -0.90 -1.36
N TRP A 140 -5.66 -1.41 -1.84
CA TRP A 140 -5.48 -1.53 -3.27
C TRP A 140 -6.40 -2.59 -3.88
N GLN A 141 -6.74 -3.60 -3.07
CA GLN A 141 -7.67 -4.63 -3.54
C GLN A 141 -9.06 -4.06 -3.79
N ASP A 142 -9.48 -3.10 -2.98
CA ASP A 142 -10.80 -2.52 -3.13
C ASP A 142 -10.83 -1.74 -4.43
N LYS A 143 -9.75 -0.99 -4.64
CA LYS A 143 -9.57 -0.18 -5.82
C LYS A 143 -9.67 -1.01 -7.10
N GLU A 144 -8.96 -2.14 -7.15
CA GLU A 144 -8.98 -2.98 -8.34
C GLU A 144 -10.35 -3.61 -8.53
N ARG A 145 -10.97 -3.96 -7.41
CA ARG A 145 -12.29 -4.58 -7.43
C ARG A 145 -13.29 -3.64 -8.10
N GLN A 146 -13.26 -2.38 -7.66
CA GLN A 146 -14.18 -1.37 -8.18
C GLN A 146 -13.92 -1.14 -9.69
N LEU A 147 -12.65 -1.01 -10.05
CA LEU A 147 -12.27 -0.86 -11.45
C LEU A 147 -12.83 -2.02 -12.29
N ARG A 148 -12.53 -3.25 -11.89
CA ARG A 148 -12.96 -4.43 -12.63
C ARG A 148 -14.48 -4.48 -12.76
N ALA A 149 -15.17 -3.95 -11.77
CA ALA A 149 -16.63 -4.00 -11.72
C ALA A 149 -17.24 -2.94 -12.62
N ARG A 150 -16.54 -1.82 -12.76
CA ARG A 150 -17.10 -0.69 -13.51
C ARG A 150 -16.69 -0.70 -14.99
N VAL A 151 -15.73 -1.55 -15.34
CA VAL A 151 -15.40 -1.73 -16.75
C VAL A 151 -16.37 -2.71 -17.38
N LYS A 152 -17.38 -2.18 -18.06
CA LYS A 152 -18.44 -3.02 -18.61
C LYS A 152 -17.99 -3.77 -19.85
N ARG A 153 -17.19 -3.11 -20.68
CA ARG A 153 -16.85 -3.68 -21.98
C ARG A 153 -15.49 -3.23 -22.51
N VAL A 154 -14.86 -4.08 -23.31
CA VAL A 154 -13.63 -3.75 -24.01
C VAL A 154 -13.89 -3.83 -25.52
N LEU A 155 -13.71 -2.71 -26.21
CA LEU A 155 -14.16 -2.58 -27.59
C LEU A 155 -13.07 -2.23 -28.60
N PRO A 156 -13.24 -2.70 -29.83
CA PRO A 156 -12.40 -2.35 -30.98
C PRO A 156 -12.59 -0.89 -31.32
N ILE A 157 -11.54 -0.21 -31.72
CA ILE A 157 -11.62 1.19 -32.06
C ILE A 157 -10.55 1.60 -33.06
N ASP A 158 -10.91 2.49 -33.98
CA ASP A 158 -9.95 3.09 -34.90
C ASP A 158 -10.18 4.59 -34.98
N VAL A 159 -9.33 5.35 -34.31
CA VAL A 159 -9.53 6.80 -34.20
C VAL A 159 -9.40 7.49 -35.57
N HIS A 160 -8.81 6.82 -36.54
CA HIS A 160 -8.69 7.40 -37.87
C HIS A 160 -10.05 7.48 -38.56
N GLN A 161 -11.02 6.76 -38.00
CA GLN A 161 -12.38 6.73 -38.54
C GLN A 161 -13.24 7.83 -37.92
N PRO A 162 -14.01 8.55 -38.76
CA PRO A 162 -14.92 9.60 -38.31
C PRO A 162 -15.83 9.14 -37.20
N GLN A 163 -16.18 7.86 -37.21
CA GLN A 163 -16.83 7.24 -36.06
C GLN A 163 -15.88 6.18 -35.51
N PRO A 164 -15.01 6.57 -34.56
CA PRO A 164 -13.94 5.70 -34.07
C PRO A 164 -14.47 4.36 -33.57
N LEU A 165 -15.68 4.36 -33.01
CA LEU A 165 -16.26 3.15 -32.44
C LEU A 165 -17.04 2.34 -33.45
N GLY A 166 -17.30 2.92 -34.60
CA GLY A 166 -18.16 2.28 -35.58
C GLY A 166 -19.62 2.67 -35.38
N ALA A 167 -20.50 2.00 -36.12
CA ALA A 167 -21.91 2.37 -36.14
C ALA A 167 -22.73 1.85 -34.96
N GLY A 168 -22.75 0.52 -34.79
CA GLY A 168 -23.62 -0.10 -33.79
C GLY A 168 -22.94 -0.47 -32.48
N SER A 169 -22.20 0.47 -31.90
CA SER A 169 -21.43 0.21 -30.69
C SER A 169 -22.31 0.13 -29.45
N PRO A 170 -22.02 -0.85 -28.57
CA PRO A 170 -22.72 -1.04 -27.30
C PRO A 170 -22.39 0.09 -26.31
N ALA A 171 -21.29 0.81 -26.59
CA ALA A 171 -20.85 1.90 -25.72
C ALA A 171 -21.90 3.02 -25.62
N PRO A 172 -22.30 3.35 -24.40
CA PRO A 172 -23.33 4.38 -24.19
C PRO A 172 -22.84 5.74 -24.64
N LEU A 173 -23.48 6.33 -25.64
CA LEU A 173 -23.06 7.65 -26.13
C LEU A 173 -24.14 8.71 -25.91
N PRO A 174 -23.71 9.98 -25.76
CA PRO A 174 -22.28 10.34 -25.71
C PRO A 174 -21.72 10.08 -24.32
N ALA A 175 -20.41 9.95 -24.23
CA ALA A 175 -19.74 9.73 -22.95
C ALA A 175 -19.70 11.01 -22.12
N ASP A 176 -19.89 10.89 -20.82
CA ASP A 176 -19.75 12.04 -19.95
C ASP A 176 -18.30 12.52 -19.92
N ALA A 177 -17.38 11.63 -20.25
CA ALA A 177 -15.94 11.92 -20.15
C ALA A 177 -15.08 10.97 -20.99
N LEU A 178 -13.91 11.45 -21.39
CA LEU A 178 -12.93 10.64 -22.12
C LEU A 178 -11.57 10.65 -21.42
N VAL A 179 -10.87 9.54 -21.52
CA VAL A 179 -9.47 9.48 -21.16
C VAL A 179 -8.68 8.90 -22.33
N SER A 180 -7.47 9.38 -22.56
CA SER A 180 -6.61 8.79 -23.57
C SER A 180 -5.15 9.05 -23.29
N ALA A 181 -4.38 7.97 -23.23
CA ALA A 181 -2.97 8.09 -22.90
C ALA A 181 -2.11 7.49 -24.00
N PHE A 182 -1.21 8.30 -24.54
CA PHE A 182 -0.19 7.83 -25.48
C PHE A 182 -0.76 7.16 -26.73
N CYS A 183 -1.96 7.59 -27.13
CA CYS A 183 -2.58 7.01 -28.30
C CYS A 183 -2.41 7.86 -29.56
N LEU A 184 -3.05 9.03 -29.56
CA LEU A 184 -3.14 9.86 -30.75
C LEU A 184 -1.80 10.13 -31.43
N GLU A 185 -0.82 10.62 -30.68
CA GLU A 185 0.44 10.96 -31.29
C GLU A 185 1.12 9.71 -31.84
N ALA A 186 0.89 8.59 -31.16
CA ALA A 186 1.48 7.30 -31.54
C ALA A 186 0.78 6.60 -32.71
N VAL A 187 -0.33 7.15 -33.20
CA VAL A 187 -1.02 6.56 -34.33
C VAL A 187 -1.17 7.55 -35.48
N SER A 188 -0.46 8.68 -35.38
CA SER A 188 -0.59 9.75 -36.36
C SER A 188 0.75 10.04 -37.02
N PRO A 189 0.79 9.96 -38.35
CA PRO A 189 1.99 10.27 -39.14
C PRO A 189 2.39 11.75 -39.01
N ASP A 190 1.44 12.61 -38.69
CA ASP A 190 1.75 14.03 -38.61
C ASP A 190 0.68 14.83 -37.89
N LEU A 191 1.00 16.10 -37.68
CA LEU A 191 0.14 17.01 -36.93
C LEU A 191 -1.32 16.98 -37.36
N ALA A 192 -1.57 17.08 -38.66
CA ALA A 192 -2.94 17.20 -39.15
C ALA A 192 -3.70 15.91 -38.93
N SER A 193 -3.00 14.79 -39.06
CA SER A 193 -3.62 13.51 -38.75
C SER A 193 -4.00 13.50 -37.26
N PHE A 194 -3.05 13.92 -36.42
CA PHE A 194 -3.28 14.06 -34.98
C PHE A 194 -4.53 14.88 -34.73
N GLN A 195 -4.63 16.00 -35.44
CA GLN A 195 -5.74 16.93 -35.26
C GLN A 195 -7.06 16.29 -35.67
N ARG A 196 -7.05 15.58 -36.80
CA ARG A 196 -8.24 14.88 -37.23
C ARG A 196 -8.65 13.84 -36.20
N ALA A 197 -7.68 13.03 -35.77
CA ALA A 197 -7.93 12.00 -34.74
C ALA A 197 -8.62 12.58 -33.50
N LEU A 198 -8.10 13.71 -33.01
CA LEU A 198 -8.74 14.42 -31.89
C LEU A 198 -10.20 14.76 -32.23
N ASP A 199 -10.42 15.35 -33.40
CA ASP A 199 -11.79 15.63 -33.86
C ASP A 199 -12.63 14.35 -33.83
N HIS A 200 -12.09 13.26 -34.37
CA HIS A 200 -12.82 12.01 -34.40
C HIS A 200 -13.27 11.55 -33.00
N ILE A 201 -12.37 11.59 -32.01
CA ILE A 201 -12.75 11.13 -30.67
C ILE A 201 -13.63 12.15 -29.95
N THR A 202 -13.55 13.41 -30.33
CA THR A 202 -14.32 14.45 -29.65
C THR A 202 -15.82 14.28 -29.87
N THR A 203 -16.19 13.70 -31.01
CA THR A 203 -17.59 13.48 -31.33
C THR A 203 -18.21 12.46 -30.38
N LEU A 204 -17.34 11.72 -29.69
CA LEU A 204 -17.75 10.72 -28.71
C LEU A 204 -18.09 11.36 -27.36
N LEU A 205 -17.60 12.57 -27.14
CA LEU A 205 -17.76 13.25 -25.87
C LEU A 205 -18.95 14.20 -25.91
N ARG A 206 -19.76 14.17 -24.86
CA ARG A 206 -20.87 15.09 -24.70
C ARG A 206 -20.35 16.53 -24.55
N PRO A 207 -21.15 17.51 -24.97
CA PRO A 207 -20.75 18.90 -24.77
C PRO A 207 -20.68 19.20 -23.28
N GLY A 208 -19.62 19.86 -22.84
CA GLY A 208 -19.44 20.12 -21.41
C GLY A 208 -18.64 19.01 -20.75
N GLY A 209 -18.68 17.82 -21.35
CA GLY A 209 -17.93 16.68 -20.85
C GLY A 209 -16.44 16.95 -20.78
N HIS A 210 -15.68 16.02 -20.22
CA HIS A 210 -14.25 16.25 -20.00
C HIS A 210 -13.33 15.28 -20.73
N LEU A 211 -12.15 15.76 -21.07
CA LEU A 211 -11.13 14.91 -21.66
C LEU A 211 -9.80 15.02 -20.91
N LEU A 212 -9.26 13.87 -20.55
CA LEU A 212 -7.94 13.82 -19.96
C LEU A 212 -7.05 13.16 -20.99
N LEU A 213 -6.07 13.92 -21.47
CA LEU A 213 -5.23 13.46 -22.56
C LEU A 213 -3.79 13.44 -22.08
N ILE A 214 -3.14 12.28 -22.22
CA ILE A 214 -1.77 12.12 -21.79
C ILE A 214 -0.99 11.62 -22.97
N GLY A 215 0.25 12.03 -23.10
CA GLY A 215 1.02 11.56 -24.25
C GLY A 215 2.45 12.04 -24.29
N ALA A 216 3.17 11.55 -25.29
CA ALA A 216 4.58 11.88 -25.41
C ALA A 216 4.78 13.23 -26.10
N LEU A 217 5.83 13.93 -25.68
CA LEU A 217 6.22 15.20 -26.26
C LEU A 217 7.49 15.02 -27.06
N GLU A 218 7.48 15.53 -28.30
CA GLU A 218 8.64 15.48 -29.19
C GLU A 218 9.18 14.06 -29.40
N GLU A 219 8.27 13.09 -29.50
CA GLU A 219 8.63 11.69 -29.77
C GLU A 219 8.44 11.37 -31.25
N SER A 220 9.37 10.60 -31.82
CA SER A 220 9.29 10.23 -33.22
C SER A 220 9.20 8.72 -33.46
N TRP A 221 9.63 7.93 -32.47
CA TRP A 221 9.50 6.47 -32.55
C TRP A 221 9.51 5.84 -31.17
N TYR A 222 8.92 4.67 -31.04
CA TYR A 222 9.17 3.82 -29.89
C TYR A 222 9.08 2.36 -30.33
N LEU A 223 9.65 1.47 -29.55
CA LEU A 223 9.70 0.05 -29.88
C LEU A 223 8.71 -0.76 -29.04
N ALA A 224 8.12 -1.77 -29.67
CA ALA A 224 7.29 -2.74 -28.97
C ALA A 224 7.66 -4.14 -29.46
N GLY A 225 8.80 -4.62 -28.97
CA GLY A 225 9.33 -5.90 -29.39
C GLY A 225 9.77 -5.82 -30.84
N GLU A 226 9.11 -6.56 -31.71
CA GLU A 226 9.47 -6.57 -33.11
C GLU A 226 8.96 -5.32 -33.83
N ALA A 227 7.99 -4.64 -33.21
CA ALA A 227 7.38 -3.46 -33.83
C ALA A 227 8.19 -2.20 -33.55
N ARG A 228 8.42 -1.45 -34.61
CA ARG A 228 9.02 -0.12 -34.53
C ARG A 228 7.96 0.87 -35.00
N LEU A 229 7.39 1.63 -34.07
CA LEU A 229 6.28 2.52 -34.45
C LEU A 229 6.77 3.94 -34.66
N THR A 230 6.14 4.61 -35.61
CA THR A 230 6.46 6.00 -35.87
C THR A 230 5.52 6.90 -35.07
N VAL A 231 6.06 8.01 -34.59
CA VAL A 231 5.32 8.93 -33.73
C VAL A 231 5.45 10.31 -34.34
N VAL A 232 4.41 11.12 -34.24
CA VAL A 232 4.53 12.52 -34.63
C VAL A 232 5.03 13.28 -33.41
N PRO A 233 6.11 14.06 -33.57
CA PRO A 233 6.69 14.83 -32.47
C PRO A 233 5.88 16.11 -32.23
N VAL A 234 5.18 16.20 -31.12
CA VAL A 234 4.39 17.39 -30.83
C VAL A 234 4.89 18.18 -29.62
N SER A 235 4.66 19.50 -29.65
CA SER A 235 5.05 20.38 -28.56
C SER A 235 3.87 20.63 -27.63
N GLU A 236 4.14 21.09 -26.41
CA GLU A 236 3.05 21.48 -25.51
C GLU A 236 2.09 22.45 -26.20
N GLU A 237 2.64 23.44 -26.89
CA GLU A 237 1.82 24.47 -27.51
C GLU A 237 1.01 23.95 -28.71
N GLU A 238 1.58 22.98 -29.42
CA GLU A 238 0.86 22.32 -30.49
C GLU A 238 -0.34 21.55 -29.91
N VAL A 239 -0.10 20.82 -28.82
CA VAL A 239 -1.16 20.05 -28.17
C VAL A 239 -2.27 20.99 -27.70
N ARG A 240 -1.86 22.11 -27.12
CA ARG A 240 -2.82 23.11 -26.67
C ARG A 240 -3.72 23.57 -27.82
N GLU A 241 -3.10 24.02 -28.91
CA GLU A 241 -3.85 24.56 -30.04
C GLU A 241 -4.79 23.52 -30.65
N ALA A 242 -4.33 22.28 -30.69
CA ALA A 242 -5.13 21.19 -31.23
C ALA A 242 -6.44 21.03 -30.47
N LEU A 243 -6.35 21.13 -29.15
CA LEU A 243 -7.52 21.02 -28.29
C LEU A 243 -8.46 22.18 -28.50
N VAL A 244 -7.90 23.38 -28.61
CA VAL A 244 -8.71 24.53 -28.91
C VAL A 244 -9.40 24.39 -30.27
N ARG A 245 -8.63 23.96 -31.28
CA ARG A 245 -9.17 23.76 -32.62
C ARG A 245 -10.30 22.72 -32.66
N SER A 246 -10.26 21.78 -31.72
CA SER A 246 -11.30 20.76 -31.62
C SER A 246 -12.48 21.24 -30.79
N GLY A 247 -12.40 22.49 -30.35
CA GLY A 247 -13.47 23.09 -29.57
C GLY A 247 -13.44 22.77 -28.09
N TYR A 248 -12.26 22.50 -27.55
CA TYR A 248 -12.13 22.32 -26.10
C TYR A 248 -11.66 23.60 -25.44
N LYS A 249 -12.04 23.80 -24.18
CA LYS A 249 -11.37 24.79 -23.34
C LYS A 249 -10.34 24.05 -22.49
N VAL A 250 -9.12 24.57 -22.49
CA VAL A 250 -8.03 23.92 -21.77
C VAL A 250 -7.99 24.38 -20.34
N ARG A 251 -8.43 23.51 -19.43
CA ARG A 251 -8.47 23.82 -18.01
C ARG A 251 -7.08 23.64 -17.39
N ASP A 252 -6.28 22.78 -17.99
CA ASP A 252 -4.96 22.49 -17.46
C ASP A 252 -4.07 21.73 -18.43
N LEU A 253 -2.81 22.12 -18.47
CA LEU A 253 -1.83 21.48 -19.36
C LEU A 253 -0.45 21.58 -18.70
N ARG A 254 0.12 20.43 -18.32
CA ARG A 254 1.38 20.39 -17.60
C ARG A 254 2.39 19.53 -18.34
N THR A 255 3.67 19.82 -18.16
CA THR A 255 4.72 19.04 -18.80
C THR A 255 5.63 18.38 -17.77
N TYR A 256 6.00 17.14 -18.06
CA TYR A 256 7.01 16.44 -17.31
C TYR A 256 8.20 16.29 -18.24
N ILE A 257 9.34 16.81 -17.84
CA ILE A 257 10.54 16.68 -18.66
C ILE A 257 11.25 15.37 -18.34
N MET A 258 11.60 14.60 -19.37
CA MET A 258 12.14 13.26 -19.18
C MET A 258 13.57 13.28 -18.63
N PRO A 259 13.77 12.77 -17.41
CA PRO A 259 15.12 12.69 -16.84
C PRO A 259 15.96 11.70 -17.62
N ALA A 260 17.27 11.89 -17.62
CA ALA A 260 18.20 11.04 -18.36
C ALA A 260 18.02 9.56 -17.99
N HIS A 261 17.96 9.27 -16.69
CA HIS A 261 17.88 7.88 -16.24
C HIS A 261 16.62 7.14 -16.73
N LEU A 262 15.63 7.88 -17.21
CA LEU A 262 14.43 7.25 -17.75
C LEU A 262 14.41 7.32 -19.29
N GLN A 263 15.52 7.75 -19.87
CA GLN A 263 15.68 7.73 -21.33
C GLN A 263 16.46 6.49 -21.76
N THR A 264 15.75 5.45 -22.17
CA THR A 264 16.28 4.09 -22.10
C THR A 264 16.41 3.27 -23.37
N GLY A 265 16.44 3.88 -24.55
CA GLY A 265 16.66 3.10 -25.75
C GLY A 265 15.41 2.52 -26.40
N VAL A 266 14.31 2.50 -25.66
CA VAL A 266 13.05 2.00 -26.21
C VAL A 266 12.25 3.07 -26.98
N ASP A 267 12.75 4.31 -26.98
CA ASP A 267 12.08 5.41 -27.68
C ASP A 267 12.93 6.65 -27.57
N ASP A 268 12.39 7.78 -28.03
CA ASP A 268 13.14 9.03 -27.94
C ASP A 268 12.30 10.18 -27.41
N VAL A 269 11.36 9.90 -26.49
CA VAL A 269 10.48 10.96 -26.02
C VAL A 269 11.26 11.92 -25.11
N LYS A 270 10.93 13.20 -25.17
CA LYS A 270 11.66 14.20 -24.40
C LYS A 270 10.94 14.59 -23.11
N GLY A 271 9.62 14.49 -23.14
CA GLY A 271 8.81 14.84 -22.00
C GLY A 271 7.47 14.17 -22.17
N VAL A 272 6.60 14.34 -21.18
CA VAL A 272 5.25 13.83 -21.24
C VAL A 272 4.35 14.99 -20.90
N PHE A 273 3.25 15.14 -21.64
CA PHE A 273 2.29 16.17 -21.32
C PHE A 273 1.06 15.59 -20.65
N PHE A 274 0.41 16.37 -19.81
CA PHE A 274 -0.91 16.03 -19.29
C PHE A 274 -1.89 17.17 -19.56
N ALA A 275 -3.02 16.84 -20.15
CA ALA A 275 -4.03 17.84 -20.48
C ALA A 275 -5.42 17.52 -19.92
N TRP A 276 -6.00 18.49 -19.22
CA TRP A 276 -7.40 18.42 -18.82
C TRP A 276 -8.19 19.43 -19.67
N ALA A 277 -9.02 18.91 -20.56
CA ALA A 277 -9.76 19.76 -21.48
C ALA A 277 -11.27 19.57 -21.32
N GLN A 278 -12.03 20.62 -21.60
CA GLN A 278 -13.48 20.56 -21.48
C GLN A 278 -14.17 20.98 -22.78
N LYS A 279 -15.04 20.12 -23.29
CA LYS A 279 -15.78 20.41 -24.51
C LYS A 279 -16.73 21.59 -24.27
N VAL A 280 -16.66 22.58 -25.16
CA VAL A 280 -17.34 23.83 -24.93
C VAL A 280 -17.69 24.51 -26.24
N PRO B 14 3.31 -15.51 45.66
CA PRO B 14 4.61 -15.46 46.35
C PRO B 14 5.71 -16.20 45.58
N ASP B 15 5.45 -17.45 45.23
CA ASP B 15 6.40 -18.28 44.53
C ASP B 15 6.18 -18.17 43.02
N SER B 16 7.07 -17.45 42.33
CA SER B 16 6.85 -17.18 40.92
C SER B 16 7.28 -18.33 39.99
N ALA B 17 8.30 -19.07 40.40
CA ALA B 17 8.92 -20.09 39.53
C ALA B 17 7.96 -21.10 38.90
N PRO B 18 7.02 -21.65 39.69
CA PRO B 18 6.09 -22.63 39.14
C PRO B 18 5.35 -22.12 37.92
N GLY B 19 4.58 -21.04 38.09
CA GLY B 19 3.83 -20.48 36.98
C GLY B 19 4.72 -20.22 35.77
N GLN B 20 5.83 -19.54 36.01
CA GLN B 20 6.76 -19.23 34.93
C GLN B 20 7.17 -20.54 34.26
N ALA B 21 7.20 -21.61 35.04
CA ALA B 21 7.66 -22.90 34.51
C ALA B 21 6.62 -23.50 33.58
N ALA B 22 5.36 -23.41 33.98
CA ALA B 22 4.28 -23.87 33.11
C ALA B 22 4.35 -23.11 31.78
N VAL B 23 4.60 -21.81 31.88
CA VAL B 23 4.63 -20.94 30.72
C VAL B 23 5.74 -21.33 29.75
N ALA B 24 6.97 -21.42 30.25
CA ALA B 24 8.08 -21.87 29.42
C ALA B 24 7.80 -23.23 28.77
N SER B 25 7.20 -24.14 29.55
CA SER B 25 6.86 -25.47 29.04
C SER B 25 5.85 -25.38 27.90
N ALA B 26 4.80 -24.59 28.11
CA ALA B 26 3.75 -24.48 27.12
C ALA B 26 4.29 -23.94 25.80
N TYR B 27 5.15 -22.93 25.87
CA TYR B 27 5.64 -22.27 24.67
C TYR B 27 6.59 -23.14 23.85
N GLN B 28 7.01 -24.27 24.41
CA GLN B 28 7.84 -25.20 23.66
C GLN B 28 7.09 -25.79 22.45
N ARG B 29 5.77 -25.67 22.44
CA ARG B 29 4.95 -26.17 21.34
C ARG B 29 4.39 -25.05 20.46
N PHE B 30 4.68 -23.80 20.84
CA PHE B 30 4.26 -22.64 20.06
C PHE B 30 4.75 -22.79 18.63
N GLU B 31 3.84 -22.73 17.66
CA GLU B 31 4.20 -22.86 16.24
C GLU B 31 4.01 -21.53 15.52
N PRO B 32 5.12 -20.88 15.17
CA PRO B 32 5.09 -19.53 14.56
C PRO B 32 4.15 -19.43 13.36
N ARG B 33 4.25 -20.37 12.43
CA ARG B 33 3.36 -20.35 11.25
C ARG B 33 1.88 -20.41 11.59
N ALA B 34 1.51 -21.21 12.58
CA ALA B 34 0.11 -21.35 12.97
C ALA B 34 -0.40 -20.06 13.60
N TYR B 35 0.43 -19.47 14.45
CA TYR B 35 0.16 -18.16 15.05
C TYR B 35 0.04 -17.05 13.98
N LEU B 36 0.95 -17.08 13.00
CA LEU B 36 0.90 -16.14 11.88
C LEU B 36 -0.44 -16.27 11.14
N ARG B 37 -0.80 -17.50 10.82
CA ARG B 37 -2.05 -17.83 10.18
C ARG B 37 -3.25 -17.38 11.01
N ASN B 38 -3.18 -17.60 12.33
CA ASN B 38 -4.30 -17.35 13.22
C ASN B 38 -4.60 -15.87 13.46
N ASN B 39 -3.57 -15.04 13.48
CA ASN B 39 -3.77 -13.64 13.85
C ASN B 39 -3.45 -12.61 12.75
N TYR B 40 -2.68 -13.02 11.75
CA TYR B 40 -2.24 -12.08 10.72
C TYR B 40 -2.65 -12.37 9.27
N ALA B 41 -3.22 -13.54 9.02
CA ALA B 41 -3.92 -13.81 7.76
C ALA B 41 -5.38 -13.41 7.93
N PRO B 42 -6.12 -13.25 6.82
CA PRO B 42 -7.55 -12.96 6.94
C PRO B 42 -8.27 -14.02 7.79
N PRO B 43 -9.38 -13.65 8.44
CA PRO B 43 -10.05 -12.34 8.40
C PRO B 43 -9.37 -11.23 9.24
N ARG B 44 -8.69 -11.60 10.31
CA ARG B 44 -8.08 -10.58 11.18
C ARG B 44 -7.05 -9.78 10.40
N GLY B 45 -6.39 -10.44 9.46
CA GLY B 45 -5.37 -9.80 8.64
C GLY B 45 -5.95 -9.07 7.45
N ASP B 46 -7.27 -8.98 7.39
CA ASP B 46 -7.92 -8.27 6.30
C ASP B 46 -7.79 -6.78 6.53
N LEU B 47 -6.82 -6.16 5.85
CA LEU B 47 -6.54 -4.76 6.07
C LEU B 47 -7.49 -3.83 5.31
N CYS B 48 -8.34 -4.44 4.49
CA CYS B 48 -9.30 -3.66 3.71
C CYS B 48 -10.45 -3.12 4.56
N ASN B 49 -10.84 -3.85 5.60
CA ASN B 49 -11.90 -3.39 6.48
C ASN B 49 -11.39 -2.44 7.56
N PRO B 50 -11.77 -1.16 7.47
CA PRO B 50 -11.27 -0.15 8.39
C PRO B 50 -11.66 -0.46 9.83
N ASN B 51 -12.78 -1.17 9.98
CA ASN B 51 -13.32 -1.50 11.28
C ASN B 51 -12.66 -2.73 11.92
N GLY B 52 -11.74 -3.35 11.19
CA GLY B 52 -11.10 -4.56 11.65
C GLY B 52 -9.93 -4.26 12.56
N VAL B 53 -9.45 -5.29 13.24
CA VAL B 53 -8.47 -5.11 14.31
C VAL B 53 -7.10 -4.74 13.78
N GLY B 54 -6.68 -5.38 12.69
CA GLY B 54 -5.39 -5.05 12.08
C GLY B 54 -5.27 -3.55 11.82
N PRO B 55 -6.24 -2.97 11.10
CA PRO B 55 -6.21 -1.53 10.81
C PRO B 55 -6.20 -0.66 12.07
N TRP B 56 -7.00 -1.04 13.06
CA TRP B 56 -7.04 -0.33 14.33
C TRP B 56 -5.66 -0.30 15.00
N LYS B 57 -5.01 -1.47 15.05
CA LYS B 57 -3.66 -1.56 15.61
C LYS B 57 -2.69 -0.61 14.91
N LEU B 58 -2.61 -0.71 13.59
CA LEU B 58 -1.68 0.11 12.81
C LEU B 58 -2.00 1.57 13.00
N ARG B 59 -3.28 1.88 13.12
CA ARG B 59 -3.72 3.26 13.29
C ARG B 59 -3.23 3.81 14.64
N CYS B 60 -3.44 3.05 15.71
CA CYS B 60 -2.93 3.43 17.02
C CYS B 60 -1.44 3.74 16.94
N LEU B 61 -0.68 2.87 16.30
CA LEU B 61 0.77 3.04 16.22
C LEU B 61 1.12 4.29 15.43
N ALA B 62 0.55 4.40 14.24
CA ALA B 62 0.79 5.53 13.34
C ALA B 62 0.48 6.87 13.99
N GLN B 63 -0.75 7.04 14.48
CA GLN B 63 -1.15 8.30 15.10
C GLN B 63 -0.24 8.69 16.26
N THR B 64 0.16 7.70 17.06
CA THR B 64 1.03 7.99 18.19
C THR B 64 2.37 8.53 17.70
N PHE B 65 2.97 7.88 16.72
CA PHE B 65 4.25 8.34 16.18
C PHE B 65 4.10 9.66 15.43
N ALA B 66 2.90 9.92 14.93
CA ALA B 66 2.62 11.13 14.18
C ALA B 66 2.58 12.38 15.08
N THR B 67 2.54 12.17 16.39
CA THR B 67 2.55 13.31 17.31
C THR B 67 3.93 13.96 17.34
N GLY B 68 4.93 13.22 16.88
CA GLY B 68 6.32 13.67 16.95
C GLY B 68 6.88 13.51 18.36
N GLU B 69 6.00 13.14 19.29
CA GLU B 69 6.34 13.07 20.70
C GLU B 69 7.13 11.85 21.13
N VAL B 70 7.14 10.82 20.29
CA VAL B 70 7.87 9.61 20.66
C VAL B 70 9.09 9.45 19.77
N SER B 71 10.23 9.92 20.26
CA SER B 71 11.45 9.81 19.48
C SER B 71 12.67 9.57 20.34
N GLY B 72 13.79 9.32 19.68
CA GLY B 72 15.06 9.05 20.34
C GLY B 72 15.98 8.28 19.40
N ARG B 73 17.03 7.70 19.94
CA ARG B 73 17.92 6.91 19.10
C ARG B 73 17.56 5.43 19.16
N THR B 74 17.21 4.93 20.35
CA THR B 74 17.03 3.49 20.54
C THR B 74 15.61 3.06 20.94
N LEU B 75 15.16 1.99 20.30
CA LEU B 75 13.85 1.41 20.58
C LEU B 75 14.06 -0.06 20.86
N ILE B 76 13.33 -0.61 21.83
CA ILE B 76 13.34 -2.04 22.07
C ILE B 76 11.91 -2.59 21.94
N ASP B 77 11.76 -3.63 21.12
CA ASP B 77 10.49 -4.32 20.98
C ASP B 77 10.53 -5.57 21.84
N ILE B 78 9.55 -5.67 22.75
CA ILE B 78 9.53 -6.68 23.81
C ILE B 78 8.63 -7.82 23.41
N GLY B 79 9.22 -9.00 23.22
CA GLY B 79 8.45 -10.16 22.83
C GLY B 79 7.88 -9.98 21.45
N SER B 80 8.77 -9.86 20.45
CA SER B 80 8.36 -9.59 19.08
C SER B 80 7.65 -10.78 18.47
N GLY B 81 8.00 -11.98 18.92
CA GLY B 81 7.51 -13.16 18.25
C GLY B 81 7.93 -13.10 16.80
N PRO B 82 7.10 -13.63 15.90
CA PRO B 82 7.52 -13.70 14.51
C PRO B 82 6.90 -12.57 13.69
N THR B 83 6.60 -11.43 14.32
CA THR B 83 5.92 -10.33 13.62
C THR B 83 6.73 -9.04 13.62
N VAL B 84 6.53 -8.22 12.59
CA VAL B 84 7.25 -6.95 12.50
C VAL B 84 6.34 -5.75 12.25
N TYR B 85 5.05 -5.98 12.02
CA TYR B 85 4.08 -4.90 11.81
C TYR B 85 4.14 -3.82 12.91
N GLN B 86 4.33 -4.24 14.15
CA GLN B 86 4.39 -3.32 15.30
C GLN B 86 5.55 -2.30 15.21
N LEU B 87 6.41 -2.43 14.22
CA LEU B 87 7.52 -1.51 14.05
C LEU B 87 7.41 -0.67 12.75
N LEU B 88 6.36 -0.88 11.97
CA LEU B 88 6.27 -0.22 10.68
C LEU B 88 6.26 1.32 10.79
N SER B 89 5.41 1.85 11.67
CA SER B 89 5.35 3.28 11.91
C SER B 89 6.50 3.77 12.78
N ALA B 90 7.04 2.89 13.62
CA ALA B 90 8.10 3.28 14.54
C ALA B 90 9.44 3.53 13.84
N CYS B 91 9.70 2.76 12.79
CA CYS B 91 11.06 2.64 12.31
C CYS B 91 11.62 3.91 11.66
N SER B 92 10.76 4.89 11.40
CA SER B 92 11.23 6.18 10.92
C SER B 92 11.62 7.14 12.07
N HIS B 93 11.38 6.75 13.31
CA HIS B 93 11.70 7.62 14.44
C HIS B 93 12.83 7.11 15.32
N PHE B 94 13.43 5.98 14.95
CA PHE B 94 14.54 5.42 15.72
C PHE B 94 15.65 4.80 14.86
N GLU B 95 16.90 5.16 15.13
CA GLU B 95 18.02 4.64 14.34
C GLU B 95 18.30 3.19 14.74
N ASP B 96 18.20 2.93 16.03
CA ASP B 96 18.61 1.63 16.54
C ASP B 96 17.42 0.89 17.13
N ILE B 97 17.11 -0.25 16.53
CA ILE B 97 15.99 -1.05 16.99
C ILE B 97 16.44 -2.46 17.34
N THR B 98 16.19 -2.85 18.60
CA THR B 98 16.36 -4.21 19.07
C THR B 98 15.04 -4.95 19.00
N MET B 99 15.03 -6.12 18.36
CA MET B 99 13.88 -7.02 18.47
C MET B 99 14.26 -8.14 19.45
N THR B 100 13.25 -8.83 20.00
CA THR B 100 13.50 -9.82 21.04
C THR B 100 12.39 -10.86 21.08
N ASP B 101 12.76 -12.09 21.39
CA ASP B 101 11.76 -13.10 21.76
C ASP B 101 12.34 -14.20 22.64
N PHE B 102 11.45 -14.86 23.37
CA PHE B 102 11.80 -15.99 24.20
C PHE B 102 12.24 -17.19 23.36
N LEU B 103 11.57 -17.39 22.22
CA LEU B 103 11.70 -18.61 21.43
C LEU B 103 12.62 -18.44 20.23
N GLU B 104 13.64 -19.30 20.16
CA GLU B 104 14.55 -19.29 19.03
C GLU B 104 13.79 -19.33 17.71
N VAL B 105 12.77 -20.18 17.63
CA VAL B 105 12.02 -20.37 16.39
C VAL B 105 11.35 -19.08 15.92
N ASN B 106 10.90 -18.24 16.86
CA ASN B 106 10.41 -16.92 16.50
C ASN B 106 11.57 -16.08 16.00
N ARG B 107 12.70 -16.19 16.68
CA ARG B 107 13.87 -15.41 16.28
C ARG B 107 14.33 -15.73 14.85
N GLN B 108 14.24 -17.00 14.46
CA GLN B 108 14.63 -17.43 13.11
C GLN B 108 13.66 -16.94 12.05
N GLU B 109 12.37 -16.99 12.39
CA GLU B 109 11.34 -16.45 11.54
C GLU B 109 11.72 -15.00 11.15
N LEU B 110 12.01 -14.18 12.16
CA LEU B 110 12.47 -12.80 11.92
C LEU B 110 13.75 -12.77 11.08
N GLY B 111 14.68 -13.67 11.40
CA GLY B 111 15.87 -13.82 10.57
C GLY B 111 15.48 -13.95 9.11
N ARG B 112 14.49 -14.79 8.82
CA ARG B 112 14.10 -15.08 7.44
C ARG B 112 13.58 -13.82 6.78
N TRP B 113 12.89 -12.98 7.54
CA TRP B 113 12.35 -11.78 6.95
C TRP B 113 13.45 -10.76 6.75
N LEU B 114 14.33 -10.67 7.74
CA LEU B 114 15.46 -9.75 7.63
C LEU B 114 16.27 -10.02 6.37
N GLN B 115 16.49 -11.29 6.04
CA GLN B 115 17.30 -11.62 4.87
C GLN B 115 16.52 -11.46 3.58
N GLU B 116 15.25 -11.10 3.70
CA GLU B 116 14.43 -10.84 2.51
C GLU B 116 14.24 -12.13 1.76
N GLU B 117 14.14 -13.22 2.50
CA GLU B 117 13.94 -14.53 1.89
C GLU B 117 12.49 -14.70 1.42
N PRO B 118 12.30 -15.57 0.42
CA PRO B 118 10.97 -15.90 -0.11
C PRO B 118 10.14 -16.72 0.87
N GLY B 119 10.76 -17.70 1.53
CA GLY B 119 10.06 -18.51 2.51
C GLY B 119 9.60 -17.72 3.73
N ALA B 120 9.99 -16.43 3.80
CA ALA B 120 9.63 -15.57 4.91
C ALA B 120 8.15 -15.21 4.87
N PHE B 121 7.57 -14.95 6.03
CA PHE B 121 6.21 -14.45 6.05
C PHE B 121 6.19 -13.15 5.27
N ASN B 122 5.09 -12.93 4.54
CA ASN B 122 4.96 -11.75 3.71
C ASN B 122 4.16 -10.66 4.42
N TRP B 123 4.86 -9.59 4.80
CA TRP B 123 4.27 -8.50 5.55
C TRP B 123 3.84 -7.33 4.68
N SER B 124 4.06 -7.45 3.38
CA SER B 124 3.91 -6.30 2.47
C SER B 124 2.53 -5.59 2.51
N MET B 125 1.44 -6.34 2.72
CA MET B 125 0.11 -5.71 2.94
C MET B 125 0.13 -4.79 4.16
N TYR B 126 0.76 -5.24 5.25
CA TYR B 126 0.92 -4.41 6.44
C TYR B 126 1.80 -3.18 6.14
N SER B 127 2.92 -3.40 5.47
CA SER B 127 3.79 -2.28 5.06
C SER B 127 3.02 -1.26 4.22
N GLN B 128 2.30 -1.74 3.22
CA GLN B 128 1.53 -0.86 2.35
C GLN B 128 0.51 -0.10 3.16
N HIS B 129 -0.23 -0.81 4.01
CA HIS B 129 -1.26 -0.16 4.83
C HIS B 129 -0.65 0.89 5.75
N ALA B 130 0.52 0.61 6.33
CA ALA B 130 1.18 1.61 7.16
C ALA B 130 1.57 2.84 6.33
N CYS B 131 2.03 2.60 5.12
CA CYS B 131 2.39 3.71 4.23
C CYS B 131 1.17 4.54 3.92
N LEU B 132 0.06 3.85 3.70
CA LEU B 132 -1.19 4.49 3.35
C LEU B 132 -1.68 5.42 4.46
N ILE B 133 -1.70 4.93 5.69
CA ILE B 133 -2.26 5.72 6.78
C ILE B 133 -1.30 6.76 7.34
N GLU B 134 0.00 6.58 7.11
CA GLU B 134 0.98 7.58 7.52
C GLU B 134 0.89 8.84 6.64
N GLY B 135 0.37 8.69 5.44
CA GLY B 135 0.12 9.82 4.54
C GLY B 135 1.34 10.64 4.12
N LYS B 136 2.45 9.98 3.82
CA LYS B 136 3.69 10.62 3.38
C LYS B 136 4.05 10.17 1.96
N GLY B 137 3.16 9.41 1.35
CA GLY B 137 3.37 8.90 0.02
C GLY B 137 4.60 8.01 -0.13
N GLU B 138 4.97 7.33 0.95
CA GLU B 138 6.09 6.40 0.94
C GLU B 138 5.67 5.09 0.31
N CYS B 139 6.50 4.52 -0.55
CA CYS B 139 6.20 3.20 -1.06
C CYS B 139 6.58 2.17 0.02
N TRP B 140 6.01 0.97 -0.07
CA TRP B 140 6.22 -0.02 0.99
C TRP B 140 7.61 -0.68 0.94
N GLN B 141 8.11 -0.90 -0.27
CA GLN B 141 9.50 -1.34 -0.44
C GLN B 141 10.47 -0.45 0.35
N ASP B 142 10.24 0.86 0.38
CA ASP B 142 11.15 1.75 1.10
C ASP B 142 10.97 1.62 2.61
N LYS B 143 9.73 1.53 3.05
CA LYS B 143 9.38 1.29 4.45
C LYS B 143 10.09 0.01 4.93
N GLU B 144 9.97 -1.06 4.15
CA GLU B 144 10.58 -2.33 4.51
C GLU B 144 12.11 -2.26 4.52
N ARG B 145 12.68 -1.53 3.57
CA ARG B 145 14.13 -1.43 3.48
C ARG B 145 14.64 -0.70 4.73
N GLN B 146 13.88 0.30 5.16
CA GLN B 146 14.26 1.07 6.32
C GLN B 146 14.16 0.27 7.63
N LEU B 147 13.11 -0.53 7.76
CA LEU B 147 12.94 -1.35 8.96
C LEU B 147 14.09 -2.35 9.05
N ARG B 148 14.40 -2.98 7.92
CA ARG B 148 15.49 -3.93 7.83
C ARG B 148 16.84 -3.29 8.18
N ALA B 149 17.02 -2.02 7.80
CA ALA B 149 18.29 -1.35 8.08
C ALA B 149 18.39 -1.06 9.57
N ARG B 150 17.25 -0.76 10.18
CA ARG B 150 17.25 -0.21 11.51
C ARG B 150 17.23 -1.27 12.63
N VAL B 151 16.78 -2.47 12.30
CA VAL B 151 16.83 -3.57 13.26
C VAL B 151 18.30 -3.99 13.46
N LYS B 152 18.87 -3.57 14.58
CA LYS B 152 20.32 -3.73 14.79
C LYS B 152 20.67 -5.06 15.46
N ARG B 153 19.66 -5.73 16.02
CA ARG B 153 19.87 -7.02 16.67
C ARG B 153 18.53 -7.70 17.03
N VAL B 154 18.58 -9.03 17.12
CA VAL B 154 17.45 -9.85 17.55
C VAL B 154 17.86 -10.71 18.75
N LEU B 155 17.26 -10.45 19.91
CA LEU B 155 17.78 -10.98 21.18
C LEU B 155 16.83 -11.91 21.89
N PRO B 156 17.39 -12.91 22.58
CA PRO B 156 16.58 -13.73 23.49
C PRO B 156 16.09 -12.81 24.59
N ILE B 157 14.91 -13.09 25.13
CA ILE B 157 14.40 -12.29 26.24
C ILE B 157 13.48 -13.12 27.11
N ASP B 158 13.50 -12.83 28.41
CA ASP B 158 12.56 -13.42 29.35
C ASP B 158 12.11 -12.32 30.31
N VAL B 159 10.86 -11.90 30.18
CA VAL B 159 10.35 -10.76 30.93
C VAL B 159 10.19 -11.05 32.41
N HIS B 160 10.35 -12.31 32.81
CA HIS B 160 10.18 -12.68 34.20
C HIS B 160 11.47 -12.50 34.98
N GLN B 161 12.59 -12.45 34.26
CA GLN B 161 13.87 -12.11 34.87
C GLN B 161 13.92 -10.62 35.20
N PRO B 162 14.49 -10.30 36.38
CA PRO B 162 14.70 -8.91 36.80
C PRO B 162 15.51 -8.15 35.74
N GLN B 163 16.45 -8.84 35.10
CA GLN B 163 17.11 -8.33 33.91
C GLN B 163 16.63 -9.13 32.71
N PRO B 164 15.56 -8.65 32.06
CA PRO B 164 14.88 -9.41 31.02
C PRO B 164 15.79 -9.82 29.85
N LEU B 165 16.84 -9.05 29.61
CA LEU B 165 17.78 -9.34 28.53
C LEU B 165 19.03 -10.08 29.00
N GLY B 166 19.10 -10.38 30.30
CA GLY B 166 20.30 -10.98 30.87
C GLY B 166 21.23 -9.88 31.34
N ALA B 167 22.41 -10.25 31.83
CA ALA B 167 23.33 -9.23 32.34
C ALA B 167 24.44 -8.92 31.32
N GLY B 168 24.78 -7.65 31.20
CA GLY B 168 25.74 -7.20 30.21
C GLY B 168 25.27 -7.50 28.81
N SER B 169 23.98 -7.28 28.57
CA SER B 169 23.38 -7.56 27.27
C SER B 169 23.92 -6.63 26.20
N PRO B 170 23.65 -6.94 24.93
CA PRO B 170 24.08 -6.15 23.78
C PRO B 170 23.27 -4.86 23.64
N ALA B 171 22.02 -4.91 24.05
CA ALA B 171 21.12 -3.81 23.81
C ALA B 171 21.64 -2.50 24.41
N PRO B 172 21.57 -1.42 23.62
CA PRO B 172 21.89 -0.10 24.15
C PRO B 172 20.91 0.24 25.26
N LEU B 173 21.36 0.23 26.51
CA LEU B 173 20.48 0.55 27.63
C LEU B 173 20.91 1.82 28.32
N PRO B 174 19.94 2.58 28.86
CA PRO B 174 18.52 2.29 28.71
C PRO B 174 18.02 2.80 27.38
N ALA B 175 16.93 2.22 26.89
CA ALA B 175 16.35 2.61 25.61
C ALA B 175 15.52 3.88 25.74
N ASP B 176 15.31 4.55 24.61
CA ASP B 176 14.48 5.75 24.59
C ASP B 176 13.00 5.41 24.57
N ALA B 177 12.68 4.21 24.10
CA ALA B 177 11.29 3.79 23.99
C ALA B 177 11.15 2.27 23.96
N LEU B 178 9.99 1.79 24.38
CA LEU B 178 9.67 0.38 24.32
C LEU B 178 8.43 0.16 23.49
N VAL B 179 8.42 -0.93 22.74
CA VAL B 179 7.20 -1.41 22.13
C VAL B 179 6.99 -2.82 22.61
N SER B 180 5.74 -3.18 22.82
CA SER B 180 5.45 -4.56 23.18
C SER B 180 4.03 -4.86 22.83
N ALA B 181 3.84 -5.93 22.07
CA ALA B 181 2.50 -6.25 21.59
C ALA B 181 2.16 -7.68 21.91
N PHE B 182 1.06 -7.86 22.66
CA PHE B 182 0.50 -9.16 22.93
C PHE B 182 1.48 -10.12 23.59
N CYS B 183 2.36 -9.58 24.42
CA CYS B 183 3.35 -10.40 25.10
C CYS B 183 3.06 -10.58 26.59
N LEU B 184 3.22 -9.53 27.37
CA LEU B 184 3.05 -9.59 28.82
C LEU B 184 1.91 -10.51 29.28
N GLU B 185 0.69 -10.22 28.83
CA GLU B 185 -0.47 -10.95 29.33
C GLU B 185 -0.43 -12.41 28.86
N ALA B 186 0.25 -12.66 27.75
CA ALA B 186 0.26 -13.97 27.12
C ALA B 186 1.30 -14.90 27.75
N VAL B 187 2.10 -14.39 28.66
CA VAL B 187 3.12 -15.21 29.31
C VAL B 187 3.10 -15.06 30.83
N SER B 188 2.05 -14.44 31.35
CA SER B 188 1.92 -14.23 32.77
C SER B 188 0.72 -15.03 33.31
N PRO B 189 0.99 -16.00 34.20
CA PRO B 189 -0.08 -16.87 34.71
C PRO B 189 -1.18 -16.05 35.37
N ASP B 190 -0.79 -14.93 35.98
CA ASP B 190 -1.72 -14.14 36.76
C ASP B 190 -1.33 -12.66 36.77
N LEU B 191 -2.23 -11.85 37.33
CA LEU B 191 -2.05 -10.40 37.34
C LEU B 191 -0.76 -9.94 38.02
N ALA B 192 -0.38 -10.61 39.10
CA ALA B 192 0.79 -10.18 39.87
C ALA B 192 2.06 -10.47 39.09
N SER B 193 2.05 -11.56 38.34
CA SER B 193 3.16 -11.91 37.46
C SER B 193 3.27 -10.89 36.32
N PHE B 194 2.13 -10.53 35.76
CA PHE B 194 2.01 -9.51 34.73
C PHE B 194 2.68 -8.20 35.16
N GLN B 195 2.33 -7.76 36.37
CA GLN B 195 2.82 -6.50 36.95
C GLN B 195 4.34 -6.54 37.10
N ARG B 196 4.84 -7.63 37.68
CA ARG B 196 6.29 -7.85 37.77
C ARG B 196 6.94 -7.84 36.38
N ALA B 197 6.29 -8.49 35.41
CA ALA B 197 6.84 -8.50 34.05
C ALA B 197 6.95 -7.06 33.55
N LEU B 198 5.90 -6.28 33.79
CA LEU B 198 5.91 -4.87 33.41
C LEU B 198 7.03 -4.13 34.14
N ASP B 199 7.22 -4.47 35.43
CA ASP B 199 8.27 -3.86 36.23
C ASP B 199 9.65 -4.17 35.66
N HIS B 200 9.87 -5.43 35.28
CA HIS B 200 11.18 -5.83 34.77
C HIS B 200 11.55 -5.10 33.46
N ILE B 201 10.64 -5.03 32.50
CA ILE B 201 10.96 -4.34 31.24
C ILE B 201 11.10 -2.84 31.45
N THR B 202 10.45 -2.32 32.50
CA THR B 202 10.54 -0.90 32.77
C THR B 202 11.95 -0.48 33.15
N THR B 203 12.76 -1.42 33.63
CA THR B 203 14.17 -1.14 33.93
C THR B 203 14.95 -0.81 32.67
N LEU B 204 14.45 -1.24 31.52
CA LEU B 204 15.16 -1.05 30.25
C LEU B 204 14.86 0.31 29.62
N LEU B 205 13.82 0.96 30.13
CA LEU B 205 13.40 2.25 29.60
C LEU B 205 13.98 3.41 30.42
N ARG B 206 14.49 4.44 29.75
CA ARG B 206 14.97 5.62 30.45
C ARG B 206 13.79 6.42 30.96
N PRO B 207 14.00 7.22 32.01
CA PRO B 207 12.94 8.09 32.54
C PRO B 207 12.59 9.12 31.47
N GLY B 208 11.31 9.40 31.28
CA GLY B 208 10.90 10.28 30.21
C GLY B 208 10.68 9.54 28.90
N GLY B 209 11.11 8.27 28.89
CA GLY B 209 10.90 7.39 27.76
C GLY B 209 9.46 6.94 27.65
N HIS B 210 9.09 6.42 26.48
CA HIS B 210 7.71 6.02 26.20
C HIS B 210 7.54 4.52 26.02
N LEU B 211 6.41 4.01 26.46
CA LEU B 211 6.06 2.62 26.22
C LEU B 211 4.77 2.57 25.42
N LEU B 212 4.81 1.88 24.28
CA LEU B 212 3.58 1.59 23.55
C LEU B 212 3.22 0.14 23.80
N LEU B 213 2.09 -0.07 24.44
CA LEU B 213 1.69 -1.40 24.85
C LEU B 213 0.37 -1.78 24.20
N ILE B 214 0.37 -2.90 23.50
CA ILE B 214 -0.84 -3.44 22.87
C ILE B 214 -1.11 -4.82 23.45
N GLY B 215 -2.38 -5.17 23.66
CA GLY B 215 -2.67 -6.51 24.16
C GLY B 215 -4.13 -6.93 24.14
N ALA B 216 -4.35 -8.20 24.47
CA ALA B 216 -5.70 -8.76 24.55
C ALA B 216 -6.39 -8.45 25.87
N LEU B 217 -7.66 -8.08 25.80
CA LEU B 217 -8.49 -7.84 26.97
C LEU B 217 -9.36 -9.05 27.27
N GLU B 218 -9.38 -9.47 28.53
CA GLU B 218 -10.20 -10.58 29.03
C GLU B 218 -9.97 -11.88 28.27
N GLU B 219 -8.72 -12.14 27.92
CA GLU B 219 -8.34 -13.38 27.28
C GLU B 219 -7.80 -14.37 28.30
N SER B 220 -8.21 -15.63 28.19
CA SER B 220 -7.67 -16.71 29.03
C SER B 220 -6.86 -17.74 28.23
N TRP B 221 -7.10 -17.83 26.93
CA TRP B 221 -6.34 -18.78 26.10
C TRP B 221 -6.29 -18.37 24.62
N TYR B 222 -5.29 -18.91 23.91
CA TYR B 222 -5.23 -18.84 22.45
C TYR B 222 -4.45 -20.03 21.88
N LEU B 223 -4.60 -20.26 20.59
CA LEU B 223 -3.97 -21.41 19.94
C LEU B 223 -2.81 -21.02 19.04
N ALA B 224 -1.75 -21.83 19.06
CA ALA B 224 -0.67 -21.66 18.10
C ALA B 224 -0.18 -23.01 17.62
N GLY B 225 -1.07 -23.76 16.97
CA GLY B 225 -0.76 -25.09 16.47
C GLY B 225 -1.33 -26.19 17.35
N GLU B 226 -0.42 -27.02 17.89
CA GLU B 226 -0.80 -28.02 18.88
C GLU B 226 -0.95 -27.32 20.23
N ALA B 227 -0.04 -26.39 20.48
CA ALA B 227 -0.02 -25.60 21.70
C ALA B 227 -1.29 -24.78 21.89
N ARG B 228 -1.99 -25.03 23.00
CA ARG B 228 -3.08 -24.15 23.45
C ARG B 228 -2.66 -23.43 24.73
N LEU B 229 -2.20 -22.19 24.60
CA LEU B 229 -1.52 -21.49 25.69
C LEU B 229 -2.46 -20.68 26.59
N THR B 230 -2.07 -20.54 27.86
CA THR B 230 -2.87 -19.84 28.85
C THR B 230 -2.49 -18.36 28.97
N VAL B 231 -3.52 -17.52 29.10
CA VAL B 231 -3.35 -16.07 29.15
C VAL B 231 -4.07 -15.54 30.39
N VAL B 232 -3.43 -14.63 31.13
CA VAL B 232 -4.12 -13.94 32.21
C VAL B 232 -5.16 -12.96 31.65
N PRO B 233 -6.42 -13.12 32.06
CA PRO B 233 -7.47 -12.18 31.65
C PRO B 233 -7.25 -10.84 32.34
N VAL B 234 -7.15 -9.76 31.58
CA VAL B 234 -7.03 -8.42 32.16
C VAL B 234 -8.07 -7.46 31.59
N SER B 235 -8.30 -6.38 32.33
CA SER B 235 -9.24 -5.35 31.94
C SER B 235 -8.45 -4.08 31.61
N GLU B 236 -9.13 -3.10 31.03
CA GLU B 236 -8.50 -1.81 30.78
C GLU B 236 -8.04 -1.21 32.10
N GLU B 237 -8.85 -1.37 33.14
CA GLU B 237 -8.56 -0.77 34.44
C GLU B 237 -7.38 -1.44 35.15
N GLU B 238 -7.29 -2.77 35.06
CA GLU B 238 -6.14 -3.50 35.56
C GLU B 238 -4.85 -3.11 34.80
N VAL B 239 -4.99 -2.82 33.51
CA VAL B 239 -3.87 -2.34 32.70
C VAL B 239 -3.43 -0.93 33.11
N ARG B 240 -4.39 -0.03 33.31
CA ARG B 240 -4.05 1.32 33.73
C ARG B 240 -3.33 1.31 35.08
N GLU B 241 -3.86 0.53 36.03
CA GLU B 241 -3.27 0.47 37.36
C GLU B 241 -1.82 -0.02 37.31
N ALA B 242 -1.56 -1.09 36.56
CA ALA B 242 -0.21 -1.66 36.50
C ALA B 242 0.79 -0.64 35.94
N LEU B 243 0.35 0.18 34.99
CA LEU B 243 1.20 1.20 34.39
C LEU B 243 1.55 2.27 35.41
N VAL B 244 0.53 2.71 36.15
CA VAL B 244 0.74 3.64 37.25
C VAL B 244 1.67 3.00 38.28
N ARG B 245 1.39 1.75 38.62
CA ARG B 245 2.18 1.02 39.60
C ARG B 245 3.64 0.96 39.20
N SER B 246 3.92 0.93 37.90
CA SER B 246 5.31 0.77 37.46
C SER B 246 6.06 2.08 37.30
N GLY B 247 5.35 3.20 37.41
CA GLY B 247 5.99 4.51 37.34
C GLY B 247 5.73 5.24 36.03
N TYR B 248 4.58 4.98 35.42
CA TYR B 248 4.23 5.64 34.16
C TYR B 248 3.11 6.64 34.33
N LYS B 249 3.16 7.69 33.53
CA LYS B 249 1.98 8.50 33.29
C LYS B 249 1.27 7.91 32.07
N VAL B 250 -0.03 7.68 32.18
CA VAL B 250 -0.79 7.17 31.04
C VAL B 250 -1.22 8.35 30.16
N ARG B 251 -0.71 8.37 28.93
CA ARG B 251 -1.01 9.44 27.99
C ARG B 251 -2.20 9.06 27.13
N ASP B 252 -2.33 7.76 26.85
CA ASP B 252 -3.41 7.27 26.02
C ASP B 252 -3.68 5.80 26.30
N LEU B 253 -4.94 5.45 26.48
CA LEU B 253 -5.32 4.06 26.65
C LEU B 253 -6.67 3.83 25.96
N ARG B 254 -6.64 3.15 24.82
CA ARG B 254 -7.86 2.94 24.07
C ARG B 254 -8.21 1.47 23.92
N THR B 255 -9.49 1.23 23.69
CA THR B 255 -10.06 -0.11 23.70
C THR B 255 -10.77 -0.41 22.40
N TYR B 256 -10.41 -1.53 21.79
CA TYR B 256 -11.08 -2.01 20.60
C TYR B 256 -11.91 -3.21 20.99
N ILE B 257 -13.20 -3.17 20.70
CA ILE B 257 -14.06 -4.31 21.02
C ILE B 257 -14.07 -5.30 19.87
N MET B 258 -13.72 -6.54 20.17
CA MET B 258 -13.66 -7.58 19.15
C MET B 258 -15.03 -7.88 18.55
N PRO B 259 -15.16 -7.74 17.24
CA PRO B 259 -16.42 -8.04 16.53
C PRO B 259 -16.60 -9.54 16.38
N ALA B 260 -17.85 -10.00 16.45
CA ALA B 260 -18.13 -11.43 16.42
C ALA B 260 -17.44 -12.10 15.24
N HIS B 261 -17.46 -11.44 14.09
CA HIS B 261 -16.85 -12.01 12.89
C HIS B 261 -15.34 -12.16 12.97
N LEU B 262 -14.69 -11.42 13.87
CA LEU B 262 -13.26 -11.60 14.05
C LEU B 262 -12.96 -12.58 15.20
N GLN B 263 -14.00 -13.00 15.90
CA GLN B 263 -13.86 -13.96 16.98
C GLN B 263 -13.91 -15.38 16.41
N THR B 264 -12.75 -15.89 16.02
CA THR B 264 -12.67 -17.07 15.15
C THR B 264 -12.47 -18.44 15.80
N GLY B 265 -12.28 -18.48 17.11
CA GLY B 265 -12.07 -19.77 17.77
C GLY B 265 -10.61 -20.06 18.03
N VAL B 266 -9.75 -19.12 17.66
CA VAL B 266 -8.31 -19.22 17.91
C VAL B 266 -7.96 -18.71 19.32
N ASP B 267 -8.95 -18.10 19.97
CA ASP B 267 -8.76 -17.60 21.33
C ASP B 267 -10.12 -17.20 21.91
N ASP B 268 -10.13 -16.66 23.12
CA ASP B 268 -11.36 -16.19 23.72
C ASP B 268 -11.26 -14.69 24.01
N VAL B 269 -10.48 -13.99 23.19
CA VAL B 269 -10.22 -12.57 23.35
C VAL B 269 -11.50 -11.74 23.13
N LYS B 270 -11.77 -10.81 24.03
CA LYS B 270 -13.01 -10.03 23.98
C LYS B 270 -12.74 -8.62 23.45
N GLY B 271 -11.52 -8.15 23.65
CA GLY B 271 -11.14 -6.87 23.11
C GLY B 271 -9.64 -6.74 23.05
N VAL B 272 -9.19 -5.59 22.59
CA VAL B 272 -7.77 -5.28 22.49
C VAL B 272 -7.54 -3.88 23.03
N PHE B 273 -6.47 -3.71 23.79
CA PHE B 273 -6.17 -2.41 24.37
C PHE B 273 -4.89 -1.87 23.76
N PHE B 274 -4.86 -0.54 23.60
CA PHE B 274 -3.66 0.13 23.22
C PHE B 274 -3.30 1.19 24.25
N ALA B 275 -2.09 1.10 24.78
CA ALA B 275 -1.65 2.06 25.76
C ALA B 275 -0.39 2.81 25.32
N TRP B 276 -0.47 4.13 25.40
CA TRP B 276 0.68 5.01 25.29
C TRP B 276 1.00 5.52 26.69
N ALA B 277 2.12 5.07 27.25
CA ALA B 277 2.54 5.49 28.59
C ALA B 277 3.95 6.06 28.57
N GLN B 278 4.17 7.07 29.40
CA GLN B 278 5.46 7.72 29.50
C GLN B 278 6.03 7.53 30.92
N LYS B 279 7.26 7.05 31.02
CA LYS B 279 7.87 6.75 32.31
C LYS B 279 8.33 7.99 33.06
N VAL B 280 7.93 8.09 34.33
CA VAL B 280 8.24 9.25 35.16
C VAL B 280 9.74 9.40 35.43
N GLY B 281 10.23 10.63 35.22
CA GLY B 281 11.64 10.94 35.34
C GLY B 281 12.09 11.58 36.64
#